data_3CXK
#
_entry.id   3CXK
#
_cell.length_a   41.997
_cell.length_b   45.171
_cell.length_c   45.402
_cell.angle_alpha   88.410
_cell.angle_beta   83.730
_cell.angle_gamma   69.100
#
_symmetry.space_group_name_H-M   'P 1'
#
loop_
_entity.id
_entity.type
_entity.pdbx_description
1 polymer 'Methionine-R-sulfoxide reductase'
2 non-polymer 'ZINC ION'
3 non-polymer 'ACETATE ION'
4 water water
#
_entity_poly.entity_id   1
_entity_poly.type   'polypeptide(L)'
_entity_poly.pdbx_seq_one_letter_code
;MAHHHHHHMGTLEAQTQGPGSMSGDRDDPRYPYPKDDAELRRRLTPMQYEVTQHAATEPPFTGEYTDTEDAGIYHCVVCG
TALFESGAKYHSGCGWPSYFKPIDGEVIDEKMDYTHGMTRVEVRCNQCGAHLGHVFEDGPRDKTGLRYCINSAALNFEAK
PERK
;
_entity_poly.pdbx_strand_id   A,B
#
loop_
_chem_comp.id
_chem_comp.type
_chem_comp.name
_chem_comp.formula
ACT non-polymer 'ACETATE ION' 'C2 H3 O2 -1'
ZN non-polymer 'ZINC ION' 'Zn 2'
#
# COMPACT_ATOMS: atom_id res chain seq x y z
N TYR A 31 -8.85 -21.56 13.31
CA TYR A 31 -9.31 -21.47 11.90
C TYR A 31 -9.13 -22.84 11.24
N PRO A 32 -10.19 -23.36 10.60
CA PRO A 32 -10.22 -24.67 9.97
C PRO A 32 -9.18 -24.89 8.89
N TYR A 33 -9.03 -23.93 7.98
CA TYR A 33 -8.09 -24.08 6.86
C TYR A 33 -6.67 -24.08 7.41
N PRO A 34 -5.94 -25.17 7.19
CA PRO A 34 -4.60 -25.25 7.80
C PRO A 34 -3.58 -24.27 7.24
N LYS A 35 -2.77 -23.74 8.15
CA LYS A 35 -1.77 -22.74 7.82
C LYS A 35 -0.52 -23.40 7.32
N ASP A 36 -0.13 -23.05 6.10
CA ASP A 36 1.13 -23.52 5.50
C ASP A 36 1.88 -22.36 4.86
N ASP A 37 2.76 -21.75 5.67
CA ASP A 37 3.39 -20.49 5.31
C ASP A 37 4.23 -20.61 4.07
N ALA A 38 4.78 -21.80 3.86
CA ALA A 38 5.73 -22.02 2.79
C ALA A 38 4.95 -21.95 1.49
N GLU A 39 3.77 -22.54 1.55
CA GLU A 39 2.91 -22.61 0.38
C GLU A 39 2.39 -21.22 0.05
N LEU A 40 2.00 -20.48 1.08
CA LEU A 40 1.49 -19.12 0.84
C LEU A 40 2.53 -18.23 0.20
N ARG A 41 3.76 -18.32 0.72
CA ARG A 41 4.81 -17.45 0.21
C ARG A 41 5.12 -17.77 -1.23
N ARG A 42 4.82 -18.99 -1.64
CA ARG A 42 5.10 -19.41 -3.02
C ARG A 42 4.00 -18.93 -3.94
N ARG A 43 2.79 -18.96 -3.44
CA ARG A 43 1.61 -18.75 -4.26
C ARG A 43 1.15 -17.29 -4.27
N LEU A 44 1.25 -16.61 -3.14
CA LEU A 44 0.76 -15.22 -3.07
C LEU A 44 1.78 -14.22 -3.57
N THR A 45 1.29 -13.14 -4.16
CA THR A 45 2.15 -12.01 -4.46
C THR A 45 2.59 -11.42 -3.14
N PRO A 46 3.67 -10.62 -3.15
CA PRO A 46 4.07 -9.95 -1.93
C PRO A 46 2.94 -9.11 -1.32
N MET A 47 2.17 -8.44 -2.16
CA MET A 47 1.06 -7.62 -1.64
C MET A 47 0.01 -8.52 -0.97
N GLN A 48 -0.33 -9.62 -1.64
CA GLN A 48 -1.36 -10.49 -1.13
C GLN A 48 -0.92 -11.08 0.19
N TYR A 49 0.36 -11.43 0.27
CA TYR A 49 0.91 -12.06 1.47
C TYR A 49 0.92 -11.05 2.60
N GLU A 50 1.43 -9.87 2.33
CA GLU A 50 1.55 -8.88 3.42
C GLU A 50 0.19 -8.47 3.94
N VAL A 51 -0.75 -8.25 3.03
CA VAL A 51 -2.09 -7.87 3.43
C VAL A 51 -2.71 -8.95 4.29
N THR A 52 -2.75 -10.20 3.80
CA THR A 52 -3.50 -11.25 4.44
C THR A 52 -2.84 -11.82 5.71
N GLN A 53 -1.52 -11.86 5.68
CA GLN A 53 -0.73 -12.53 6.74
C GLN A 53 -0.12 -11.55 7.76
N HIS A 54 0.13 -10.33 7.32
CA HIS A 54 0.71 -9.31 8.18
C HIS A 54 -0.19 -8.08 8.36
N ALA A 55 -1.44 -8.17 7.92
CA ALA A 55 -2.39 -7.08 8.10
C ALA A 55 -1.96 -5.77 7.51
N ALA A 56 -1.21 -5.84 6.43
CA ALA A 56 -0.91 -4.64 5.66
C ALA A 56 -2.16 -4.12 5.00
N THR A 57 -2.11 -2.84 4.64
CA THR A 57 -3.23 -2.22 3.93
C THR A 57 -2.78 -1.68 2.57
N GLU A 58 -3.41 -2.16 1.50
CA GLU A 58 -3.13 -1.59 0.17
C GLU A 58 -3.49 -0.11 0.18
N PRO A 59 -2.69 0.77 -0.46
CA PRO A 59 -3.12 2.13 -0.41
C PRO A 59 -4.45 2.39 -1.14
N PRO A 60 -5.20 3.39 -0.69
CA PRO A 60 -6.45 3.68 -1.38
C PRO A 60 -6.22 4.03 -2.84
N PHE A 61 -7.18 3.62 -3.65
CA PHE A 61 -7.19 3.86 -5.11
C PHE A 61 -6.08 3.14 -5.85
N THR A 62 -5.50 2.09 -5.27
CA THR A 62 -4.52 1.28 -6.02
C THR A 62 -4.95 -0.16 -6.26
N GLY A 63 -6.00 -0.64 -5.59
CA GLY A 63 -6.38 -2.05 -5.67
C GLY A 63 -7.11 -2.33 -6.96
N GLU A 64 -6.93 -3.54 -7.43
CA GLU A 64 -7.47 -4.03 -8.68
C GLU A 64 -8.99 -3.93 -8.76
N TYR A 65 -9.64 -4.15 -7.63
CA TYR A 65 -11.13 -4.33 -7.67
C TYR A 65 -11.92 -3.15 -7.09
N THR A 66 -11.22 -2.06 -6.85
CA THR A 66 -11.79 -0.88 -6.23
C THR A 66 -13.02 -0.43 -6.98
N ASP A 67 -12.91 -0.39 -8.30
CA ASP A 67 -14.03 0.10 -9.09
C ASP A 67 -14.76 -0.94 -9.93
N THR A 68 -14.48 -2.21 -9.69
CA THR A 68 -15.09 -3.32 -10.41
C THR A 68 -16.58 -3.38 -10.19
N GLU A 69 -17.31 -3.51 -11.30
CA GLU A 69 -18.77 -3.62 -11.28
C GLU A 69 -19.31 -4.92 -11.90
N ASP A 70 -18.42 -5.75 -12.38
CA ASP A 70 -18.82 -7.03 -12.99
C ASP A 70 -19.53 -7.98 -12.04
N ALA A 71 -20.48 -8.72 -12.61
CA ALA A 71 -21.23 -9.72 -11.84
C ALA A 71 -20.30 -10.88 -11.49
N GLY A 72 -20.38 -11.32 -10.25
CA GLY A 72 -19.53 -12.42 -9.77
C GLY A 72 -19.38 -12.42 -8.27
N ILE A 73 -18.37 -13.17 -7.81
CA ILE A 73 -18.19 -13.51 -6.39
C ILE A 73 -16.74 -13.22 -6.05
N TYR A 74 -16.51 -12.58 -4.90
CA TYR A 74 -15.17 -12.32 -4.45
C TYR A 74 -14.83 -13.34 -3.37
N HIS A 75 -13.76 -14.07 -3.65
CA HIS A 75 -13.30 -15.17 -2.83
C HIS A 75 -12.08 -14.75 -2.02
N CYS A 76 -11.93 -15.37 -0.87
CA CYS A 76 -10.69 -15.23 -0.09
C CYS A 76 -9.53 -15.66 -0.97
N VAL A 77 -8.48 -14.84 -1.02
CA VAL A 77 -7.34 -15.09 -1.90
C VAL A 77 -6.54 -16.24 -1.34
N VAL A 78 -6.70 -16.48 -0.04
CA VAL A 78 -5.87 -17.49 0.63
C VAL A 78 -6.50 -18.87 0.49
N CYS A 79 -7.75 -18.99 0.90
CA CYS A 79 -8.40 -20.30 1.05
C CYS A 79 -9.52 -20.56 0.02
N GLY A 80 -9.91 -19.52 -0.70
CA GLY A 80 -10.93 -19.57 -1.75
C GLY A 80 -12.39 -19.53 -1.33
N THR A 81 -12.62 -19.40 -0.04
CA THR A 81 -13.99 -19.25 0.48
C THR A 81 -14.69 -18.07 -0.17
N ALA A 82 -15.93 -18.26 -0.60
CA ALA A 82 -16.71 -17.13 -1.10
C ALA A 82 -17.02 -16.18 0.06
N LEU A 83 -16.70 -14.89 -0.12
CA LEU A 83 -16.87 -13.89 0.95
C LEU A 83 -17.91 -12.81 0.64
N PHE A 84 -17.87 -12.29 -0.58
CA PHE A 84 -18.71 -11.15 -0.96
C PHE A 84 -19.22 -11.34 -2.36
N GLU A 85 -20.45 -10.89 -2.60
CA GLU A 85 -21.12 -10.95 -3.92
C GLU A 85 -21.08 -9.55 -4.55
N SER A 86 -20.97 -9.51 -5.87
CA SER A 86 -21.01 -8.25 -6.60
C SER A 86 -22.26 -7.44 -6.28
N GLY A 87 -23.37 -8.13 -6.00
CA GLY A 87 -24.65 -7.45 -5.67
C GLY A 87 -24.62 -6.66 -4.38
N ALA A 88 -23.62 -6.94 -3.52
CA ALA A 88 -23.46 -6.21 -2.27
C ALA A 88 -22.35 -5.15 -2.31
N LYS A 89 -21.69 -5.03 -3.45
CA LYS A 89 -20.62 -4.08 -3.70
C LYS A 89 -21.25 -2.74 -4.04
N TYR A 90 -20.74 -1.66 -3.50
CA TYR A 90 -21.31 -0.34 -3.77
C TYR A 90 -20.26 0.73 -3.88
N HIS A 91 -20.63 1.91 -4.41
CA HIS A 91 -19.70 3.02 -4.55
C HIS A 91 -19.62 3.80 -3.29
N SER A 92 -18.47 3.73 -2.62
CA SER A 92 -18.28 4.38 -1.33
C SER A 92 -17.36 5.59 -1.44
N GLY A 93 -16.57 5.59 -2.52
CA GLY A 93 -15.50 6.56 -2.71
C GLY A 93 -14.35 6.49 -1.73
N CYS A 94 -14.25 5.39 -1.00
CA CYS A 94 -13.24 5.34 0.08
C CYS A 94 -11.86 4.93 -0.40
N GLY A 95 -11.80 4.36 -1.57
CA GLY A 95 -10.51 3.94 -2.10
C GLY A 95 -10.25 2.45 -2.12
N TRP A 96 -11.19 1.67 -1.57
CA TRP A 96 -11.09 0.21 -1.61
C TRP A 96 -12.42 -0.40 -2.03
N PRO A 97 -12.42 -1.66 -2.49
CA PRO A 97 -13.67 -2.41 -2.62
C PRO A 97 -14.51 -2.27 -1.39
N SER A 98 -15.80 -1.96 -1.56
CA SER A 98 -16.67 -1.70 -0.41
CA SER A 98 -16.67 -1.72 -0.40
C SER A 98 -17.97 -2.45 -0.62
N TYR A 99 -18.39 -3.17 0.40
CA TYR A 99 -19.60 -4.03 0.35
C TYR A 99 -20.45 -3.71 1.56
N PHE A 100 -21.78 -3.80 1.42
CA PHE A 100 -22.65 -3.51 2.60
C PHE A 100 -23.01 -4.74 3.43
N LYS A 101 -22.63 -5.90 2.92
CA LYS A 101 -22.76 -7.16 3.66
C LYS A 101 -21.93 -8.25 3.00
N PRO A 102 -21.52 -9.23 3.80
CA PRO A 102 -20.89 -10.40 3.26
C PRO A 102 -21.93 -11.37 2.76
N ILE A 103 -21.50 -12.50 2.22
CA ILE A 103 -22.44 -13.44 1.61
C ILE A 103 -23.32 -14.05 2.66
N ASP A 104 -22.74 -14.30 3.83
CA ASP A 104 -23.50 -14.66 5.02
C ASP A 104 -22.71 -14.35 6.26
N GLY A 105 -23.36 -14.54 7.39
CA GLY A 105 -22.84 -14.11 8.68
C GLY A 105 -21.76 -15.04 9.17
N GLU A 106 -21.58 -16.14 8.48
CA GLU A 106 -20.58 -17.10 8.90
C GLU A 106 -19.18 -16.94 8.31
N VAL A 107 -19.06 -16.23 7.19
CA VAL A 107 -17.79 -16.20 6.46
C VAL A 107 -16.79 -15.19 6.97
N ILE A 108 -17.24 -14.26 7.81
CA ILE A 108 -16.33 -13.24 8.34
CA ILE A 108 -16.37 -13.19 8.33
C ILE A 108 -16.23 -13.29 9.84
N ASP A 109 -15.03 -13.04 10.31
CA ASP A 109 -14.74 -12.93 11.72
C ASP A 109 -14.35 -11.46 11.98
N GLU A 110 -14.85 -10.89 13.07
CA GLU A 110 -14.51 -9.51 13.42
C GLU A 110 -13.69 -9.48 14.72
N LYS A 111 -12.77 -8.52 14.79
CA LYS A 111 -11.87 -8.41 15.92
C LYS A 111 -11.51 -6.94 16.10
N MET A 112 -11.46 -6.46 17.34
CA MET A 112 -11.09 -5.06 17.53
C MET A 112 -9.65 -4.92 17.10
N ASP A 113 -9.34 -3.75 16.57
CA ASP A 113 -8.01 -3.40 16.10
C ASP A 113 -7.59 -2.09 16.69
N TYR A 114 -6.48 -2.09 17.42
CA TYR A 114 -6.02 -0.88 18.10
C TYR A 114 -4.71 -0.35 17.49
N THR A 115 -4.38 -0.86 16.31
CA THR A 115 -3.15 -0.46 15.61
C THR A 115 -3.29 0.93 14.95
N HIS A 116 -2.12 1.53 14.68
CA HIS A 116 -2.06 2.77 13.91
C HIS A 116 -2.80 3.92 14.55
N GLY A 117 -2.82 3.92 15.88
CA GLY A 117 -3.37 5.03 16.64
C GLY A 117 -4.84 5.23 16.39
N MET A 118 -5.52 4.13 16.14
CA MET A 118 -6.97 4.13 15.89
C MET A 118 -7.63 2.95 16.60
N THR A 119 -8.93 3.05 16.80
CA THR A 119 -9.78 1.93 17.24
C THR A 119 -10.75 1.62 16.11
N ARG A 120 -10.63 0.43 15.58
CA ARG A 120 -11.45 0.02 14.44
C ARG A 120 -11.84 -1.43 14.63
N VAL A 121 -12.72 -1.91 13.74
CA VAL A 121 -13.11 -3.30 13.73
C VAL A 121 -12.52 -3.98 12.49
N GLU A 122 -11.52 -4.83 12.72
CA GLU A 122 -10.92 -5.65 11.67
C GLU A 122 -11.88 -6.71 11.24
N VAL A 123 -11.84 -6.98 9.94
CA VAL A 123 -12.52 -8.11 9.35
C VAL A 123 -11.53 -9.12 8.80
N ARG A 124 -11.76 -10.39 9.18
CA ARG A 124 -10.94 -11.53 8.74
C ARG A 124 -11.78 -12.61 8.09
N CYS A 125 -11.12 -13.43 7.29
CA CYS A 125 -11.77 -14.65 6.75
C CYS A 125 -11.97 -15.65 7.88
N ASN A 126 -13.20 -16.11 8.06
CA ASN A 126 -13.49 -16.97 9.20
C ASN A 126 -12.99 -18.38 8.93
N GLN A 127 -12.67 -18.69 7.68
CA GLN A 127 -12.23 -20.04 7.31
C GLN A 127 -10.74 -20.22 7.59
N CYS A 128 -9.94 -19.18 7.31
CA CYS A 128 -8.48 -19.29 7.33
C CYS A 128 -7.80 -18.21 8.17
N GLY A 129 -8.56 -17.20 8.57
CA GLY A 129 -8.05 -16.11 9.42
C GLY A 129 -7.38 -14.96 8.69
N ALA A 130 -7.34 -15.02 7.36
CA ALA A 130 -6.73 -13.96 6.54
C ALA A 130 -7.28 -12.60 6.91
N HIS A 131 -6.38 -11.63 7.10
CA HIS A 131 -6.79 -10.22 7.22
C HIS A 131 -7.42 -9.77 5.92
N LEU A 132 -8.65 -9.23 5.99
CA LEU A 132 -9.34 -8.74 4.80
C LEU A 132 -9.40 -7.22 4.76
N GLY A 133 -9.73 -6.61 5.88
CA GLY A 133 -9.86 -5.14 5.95
C GLY A 133 -10.49 -4.73 7.25
N HIS A 134 -11.41 -3.76 7.15
CA HIS A 134 -12.15 -3.27 8.31
C HIS A 134 -13.59 -3.03 7.95
N VAL A 135 -14.42 -3.01 8.98
CA VAL A 135 -15.84 -2.64 8.77
C VAL A 135 -16.17 -1.39 9.57
N PHE A 136 -16.87 -0.49 8.91
CA PHE A 136 -17.22 0.82 9.49
C PHE A 136 -18.75 1.04 9.46
N GLU A 137 -19.21 1.94 10.30
CA GLU A 137 -20.66 2.12 10.49
C GLU A 137 -21.16 3.27 9.63
N ASP A 138 -20.45 3.53 8.55
CA ASP A 138 -20.81 4.65 7.65
C ASP A 138 -21.23 4.13 6.29
N GLY A 139 -21.79 2.93 6.28
CA GLY A 139 -22.28 2.32 5.04
C GLY A 139 -23.69 2.80 4.72
N PRO A 140 -24.29 2.23 3.68
CA PRO A 140 -25.58 2.73 3.13
C PRO A 140 -26.68 2.68 4.15
N ARG A 141 -27.22 3.85 4.43
CA ARG A 141 -28.20 3.95 5.50
C ARG A 141 -29.51 3.33 5.09
N ASP A 142 -29.69 3.17 3.79
CA ASP A 142 -30.90 2.58 3.17
C ASP A 142 -30.84 1.05 3.13
N LYS A 143 -29.71 0.53 3.60
CA LYS A 143 -29.48 -0.91 3.58
C LYS A 143 -29.03 -1.34 4.96
N THR A 144 -27.76 -1.75 5.11
CA THR A 144 -27.29 -2.25 6.40
C THR A 144 -26.60 -1.23 7.31
N GLY A 145 -26.21 -0.10 6.75
CA GLY A 145 -25.47 0.91 7.48
C GLY A 145 -24.00 0.58 7.63
N LEU A 146 -23.59 -0.54 7.03
CA LEU A 146 -22.21 -1.04 7.24
C LEU A 146 -21.39 -0.93 5.98
N ARG A 147 -20.12 -0.59 6.16
CA ARG A 147 -19.15 -0.50 5.06
C ARG A 147 -18.04 -1.51 5.34
N TYR A 148 -18.11 -2.62 4.63
CA TYR A 148 -17.02 -3.58 4.64
C TYR A 148 -16.00 -3.11 3.64
N CYS A 149 -14.88 -2.65 4.17
CA CYS A 149 -13.83 -2.00 3.42
C CYS A 149 -12.70 -3.00 3.26
N ILE A 150 -12.55 -3.56 2.07
CA ILE A 150 -11.73 -4.79 1.90
C ILE A 150 -10.61 -4.54 0.94
N ASN A 151 -9.41 -4.97 1.30
CA ASN A 151 -8.32 -4.87 0.36
C ASN A 151 -8.58 -5.71 -0.89
N SER A 152 -8.36 -5.15 -2.06
CA SER A 152 -8.40 -5.99 -3.32
C SER A 152 -7.46 -7.17 -3.21
N ALA A 153 -6.29 -6.94 -2.62
CA ALA A 153 -5.28 -7.96 -2.55
C ALA A 153 -5.63 -9.10 -1.63
N ALA A 154 -6.73 -8.98 -0.88
CA ALA A 154 -7.22 -10.07 -0.02
C ALA A 154 -8.23 -10.96 -0.79
N LEU A 155 -8.59 -10.54 -1.98
CA LEU A 155 -9.65 -11.20 -2.73
C LEU A 155 -9.18 -11.69 -4.06
N ASN A 156 -9.97 -12.61 -4.60
CA ASN A 156 -9.89 -12.99 -6.01
C ASN A 156 -11.29 -13.09 -6.53
N PHE A 157 -11.51 -12.48 -7.70
CA PHE A 157 -12.85 -12.35 -8.27
C PHE A 157 -13.13 -13.51 -9.22
N GLU A 158 -14.28 -14.12 -9.05
CA GLU A 158 -14.79 -15.11 -9.98
C GLU A 158 -15.94 -14.50 -10.75
N ALA A 159 -15.70 -14.28 -12.04
CA ALA A 159 -16.72 -13.66 -12.88
C ALA A 159 -17.88 -14.62 -13.06
N LYS A 160 -19.08 -14.07 -13.09
CA LYS A 160 -20.24 -14.88 -13.46
C LYS A 160 -21.10 -14.12 -14.46
N PRO A 161 -20.71 -14.11 -15.73
CA PRO A 161 -21.53 -13.43 -16.75
C PRO A 161 -22.71 -14.29 -17.21
N TYR B 31 7.18 24.15 -8.01
CA TYR B 31 8.21 23.21 -8.56
C TYR B 31 8.36 23.41 -10.07
N PRO B 32 9.62 23.42 -10.57
CA PRO B 32 9.88 23.73 -11.98
C PRO B 32 9.31 22.75 -12.99
N TYR B 33 9.39 21.45 -12.69
CA TYR B 33 8.90 20.49 -13.64
C TYR B 33 7.41 20.69 -13.78
N PRO B 34 6.93 20.95 -15.01
CA PRO B 34 5.53 21.26 -15.31
C PRO B 34 4.56 20.10 -15.07
N LYS B 35 3.44 20.41 -14.42
CA LYS B 35 2.48 19.40 -13.96
C LYS B 35 1.45 19.03 -14.99
N ASP B 36 1.45 17.77 -15.42
CA ASP B 36 0.34 17.24 -16.24
C ASP B 36 -0.37 15.98 -15.66
N ASP B 37 -1.38 16.20 -14.82
CA ASP B 37 -2.03 15.09 -14.12
C ASP B 37 -2.50 14.04 -15.10
N ALA B 38 -3.02 14.47 -16.24
CA ALA B 38 -3.60 13.53 -17.20
C ALA B 38 -2.55 12.59 -17.73
N GLU B 39 -1.41 13.16 -18.06
CA GLU B 39 -0.30 12.39 -18.59
C GLU B 39 0.18 11.43 -17.51
N LEU B 40 0.26 11.92 -16.28
CA LEU B 40 0.74 11.07 -15.18
C LEU B 40 -0.18 9.87 -14.99
N ARG B 41 -1.48 10.13 -15.04
CA ARG B 41 -2.45 9.06 -14.83
C ARG B 41 -2.31 7.98 -15.87
N ARG B 42 -1.78 8.35 -17.01
CA ARG B 42 -1.66 7.40 -18.09
C ARG B 42 -0.36 6.63 -18.00
N ARG B 43 0.67 7.31 -17.56
CA ARG B 43 2.03 6.77 -17.61
C ARG B 43 2.38 6.01 -16.34
N LEU B 44 1.93 6.52 -15.21
CA LEU B 44 2.26 5.88 -13.95
C LEU B 44 1.30 4.73 -13.63
N THR B 45 1.82 3.69 -12.98
CA THR B 45 0.95 2.66 -12.41
C THR B 45 0.11 3.32 -11.31
N PRO B 46 -1.02 2.70 -10.91
CA PRO B 46 -1.78 3.33 -9.83
C PRO B 46 -0.99 3.55 -8.55
N MET B 47 -0.13 2.61 -8.21
CA MET B 47 0.69 2.76 -6.99
C MET B 47 1.61 3.94 -7.15
N GLN B 48 2.25 4.06 -8.30
CA GLN B 48 3.19 5.16 -8.48
C GLN B 48 2.49 6.51 -8.44
N TYR B 49 1.33 6.55 -9.05
CA TYR B 49 0.51 7.74 -9.10
C TYR B 49 0.01 8.13 -7.72
N GLU B 50 -0.54 7.19 -6.97
CA GLU B 50 -1.11 7.52 -5.67
C GLU B 50 0.00 7.88 -4.69
N VAL B 51 1.11 7.16 -4.75
CA VAL B 51 2.24 7.49 -3.86
C VAL B 51 2.73 8.90 -4.17
N THR B 52 3.07 9.20 -5.43
CA THR B 52 3.74 10.46 -5.71
C THR B 52 2.84 11.70 -5.70
N GLN B 53 1.60 11.49 -6.09
CA GLN B 53 0.64 12.59 -6.25
C GLN B 53 -0.30 12.77 -5.07
N HIS B 54 -0.59 11.68 -4.34
CA HIS B 54 -1.50 11.76 -3.22
C HIS B 54 -0.88 11.32 -1.90
N ALA B 55 0.44 11.24 -1.85
CA ALA B 55 1.21 10.89 -0.65
C ALA B 55 0.79 9.60 -0.02
N ALA B 56 0.33 8.66 -0.83
CA ALA B 56 0.15 7.29 -0.37
C ALA B 56 1.46 6.68 0.07
N THR B 57 1.32 5.60 0.86
CA THR B 57 2.49 4.84 1.31
C THR B 57 2.38 3.37 0.95
N GLU B 58 3.34 2.88 0.18
CA GLU B 58 3.36 1.44 -0.15
C GLU B 58 3.48 0.65 1.11
N PRO B 59 2.79 -0.51 1.19
CA PRO B 59 2.99 -1.26 2.41
C PRO B 59 4.44 -1.71 2.57
N PRO B 60 4.93 -1.78 3.79
CA PRO B 60 6.25 -2.28 4.02
C PRO B 60 6.34 -3.74 3.52
N PHE B 61 7.53 -4.10 3.04
CA PHE B 61 7.85 -5.42 2.54
C PHE B 61 7.14 -5.78 1.25
N THR B 62 6.61 -4.77 0.56
CA THR B 62 6.02 -5.03 -0.77
C THR B 62 6.73 -4.34 -1.93
N GLY B 63 7.61 -3.36 -1.65
CA GLY B 63 8.25 -2.58 -2.69
C GLY B 63 9.34 -3.34 -3.43
N GLU B 64 9.46 -3.03 -4.69
CA GLU B 64 10.40 -3.68 -5.61
C GLU B 64 11.85 -3.46 -5.16
N TYR B 65 12.15 -2.29 -4.60
CA TYR B 65 13.58 -1.92 -4.42
C TYR B 65 14.07 -2.02 -2.95
N THR B 66 13.20 -2.54 -2.10
CA THR B 66 13.49 -2.58 -0.66
C THR B 66 14.83 -3.22 -0.35
N ASP B 67 15.05 -4.36 -0.98
CA ASP B 67 16.25 -5.13 -0.73
C ASP B 67 17.37 -4.99 -1.80
N THR B 68 17.11 -4.16 -2.82
CA THR B 68 18.02 -4.02 -3.96
C THR B 68 19.39 -3.53 -3.54
N GLU B 69 20.41 -4.24 -4.01
CA GLU B 69 21.79 -3.89 -3.71
C GLU B 69 22.61 -3.50 -4.93
N ASP B 70 22.00 -3.59 -6.11
CA ASP B 70 22.70 -3.36 -7.39
C ASP B 70 23.25 -1.96 -7.50
N ALA B 71 24.40 -1.80 -8.17
CA ALA B 71 24.98 -0.47 -8.31
C ALA B 71 24.18 0.33 -9.31
N GLY B 72 23.96 1.59 -8.99
CA GLY B 72 23.16 2.41 -9.87
C GLY B 72 22.58 3.62 -9.20
N ILE B 73 21.59 4.22 -9.86
CA ILE B 73 21.00 5.49 -9.44
C ILE B 73 19.50 5.36 -9.37
N TYR B 74 18.90 5.89 -8.32
CA TYR B 74 17.44 5.85 -8.18
C TYR B 74 16.96 7.25 -8.56
N HIS B 75 16.11 7.28 -9.59
CA HIS B 75 15.52 8.46 -10.12
C HIS B 75 14.07 8.65 -9.67
N CYS B 76 13.64 9.89 -9.62
CA CYS B 76 12.21 10.21 -9.44
C CYS B 76 11.41 9.58 -10.55
N VAL B 77 10.34 8.87 -10.22
CA VAL B 77 9.54 8.16 -11.19
C VAL B 77 8.76 9.15 -12.03
N VAL B 78 8.59 10.34 -11.48
CA VAL B 78 7.73 11.33 -12.16
C VAL B 78 8.56 12.11 -13.19
N CYS B 79 9.67 12.70 -12.74
CA CYS B 79 10.43 13.65 -13.58
C CYS B 79 11.80 13.15 -14.04
N GLY B 80 12.28 12.04 -13.48
CA GLY B 80 13.53 11.43 -13.86
C GLY B 80 14.74 12.00 -13.14
N THR B 81 14.55 12.98 -12.27
CA THR B 81 15.71 13.55 -11.55
C THR B 81 16.43 12.47 -10.75
N ALA B 82 17.76 12.50 -10.77
CA ALA B 82 18.54 11.58 -9.96
C ALA B 82 18.40 11.99 -8.52
N LEU B 83 18.00 11.07 -7.64
CA LEU B 83 17.71 11.39 -6.23
C LEU B 83 18.63 10.73 -5.21
N PHE B 84 18.84 9.43 -5.40
CA PHE B 84 19.64 8.63 -4.48
C PHE B 84 20.55 7.69 -5.26
N GLU B 85 21.74 7.45 -4.69
CA GLU B 85 22.75 6.53 -5.22
C GLU B 85 22.75 5.25 -4.42
N SER B 86 23.06 4.16 -5.10
CA SER B 86 23.16 2.85 -4.49
C SER B 86 24.14 2.87 -3.33
N GLY B 87 25.15 3.72 -3.43
CA GLY B 87 26.19 3.79 -2.38
C GLY B 87 25.72 4.36 -1.06
N ALA B 88 24.57 5.03 -1.08
CA ALA B 88 23.97 5.63 0.11
C ALA B 88 22.79 4.79 0.63
N LYS B 89 22.53 3.67 -0.06
CA LYS B 89 21.43 2.76 0.29
C LYS B 89 21.98 1.83 1.33
N TYR B 90 21.18 1.50 2.33
CA TYR B 90 21.61 0.54 3.35
C TYR B 90 20.44 -0.31 3.82
N HIS B 91 20.76 -1.42 4.47
CA HIS B 91 19.72 -2.33 4.89
C HIS B 91 19.22 -1.90 6.26
N SER B 92 18.13 -1.13 6.30
CA SER B 92 17.58 -0.68 7.57
C SER B 92 16.69 -1.71 8.23
N GLY B 93 16.11 -2.58 7.43
CA GLY B 93 15.16 -3.57 7.92
C GLY B 93 13.74 -3.07 8.12
N CYS B 94 13.51 -1.79 7.80
CA CYS B 94 12.22 -1.15 8.06
C CYS B 94 11.13 -1.49 7.09
N GLY B 95 11.49 -2.04 5.95
CA GLY B 95 10.47 -2.50 4.99
C GLY B 95 10.32 -1.65 3.76
N TRP B 96 11.09 -0.57 3.67
CA TRP B 96 11.15 0.26 2.44
C TRP B 96 12.62 0.53 2.12
N PRO B 97 12.92 0.87 0.86
CA PRO B 97 14.24 1.39 0.49
C PRO B 97 14.67 2.46 1.46
N SER B 98 15.89 2.33 1.99
CA SER B 98 16.39 3.34 2.92
CA SER B 98 16.42 3.30 2.96
C SER B 98 17.81 3.77 2.55
N TYR B 99 17.99 5.09 2.60
CA TYR B 99 19.26 5.74 2.22
C TYR B 99 19.69 6.65 3.36
N PHE B 100 20.99 6.87 3.51
CA PHE B 100 21.44 7.76 4.59
C PHE B 100 21.69 9.19 4.15
N LYS B 101 21.61 9.43 2.84
CA LYS B 101 21.68 10.78 2.27
C LYS B 101 21.22 10.72 0.83
N PRO B 102 20.70 11.84 0.33
CA PRO B 102 20.38 11.94 -1.09
C PRO B 102 21.66 12.29 -1.89
N ILE B 103 21.53 12.35 -3.21
CA ILE B 103 22.70 12.62 -4.05
C ILE B 103 23.36 13.95 -3.70
N ASP B 104 22.51 14.93 -3.51
CA ASP B 104 22.92 16.18 -2.89
C ASP B 104 21.73 16.80 -2.21
N GLY B 105 21.96 17.81 -1.40
CA GLY B 105 20.87 18.41 -0.63
C GLY B 105 19.84 19.11 -1.51
N GLU B 106 20.25 19.46 -2.71
CA GLU B 106 19.39 20.25 -3.61
C GLU B 106 18.25 19.46 -4.23
N VAL B 107 18.38 18.14 -4.25
CA VAL B 107 17.41 17.31 -5.00
C VAL B 107 16.15 16.97 -4.21
N ILE B 108 16.21 17.17 -2.90
CA ILE B 108 15.09 16.87 -2.00
C ILE B 108 14.55 18.11 -1.31
N ASP B 109 13.25 18.15 -1.14
CA ASP B 109 12.54 19.16 -0.36
C ASP B 109 12.00 18.45 0.86
N GLU B 110 12.06 19.08 2.03
CA GLU B 110 11.45 18.50 3.22
C GLU B 110 10.32 19.39 3.74
N LYS B 111 9.31 18.74 4.30
CA LYS B 111 8.12 19.42 4.74
C LYS B 111 7.59 18.66 5.95
N MET B 112 7.17 19.38 7.00
CA MET B 112 6.57 18.71 8.15
C MET B 112 5.30 18.08 7.65
N ASP B 113 4.98 16.93 8.23
CA ASP B 113 3.80 16.16 7.89
C ASP B 113 3.05 15.79 9.16
N TYR B 114 1.81 16.26 9.25
CA TYR B 114 0.99 16.10 10.47
C TYR B 114 -0.12 15.06 10.30
N THR B 115 -0.04 14.34 9.20
CA THR B 115 -1.07 13.36 8.85
C THR B 115 -0.93 12.07 9.67
N HIS B 116 -2.01 11.31 9.66
CA HIS B 116 -2.03 9.95 10.21
C HIS B 116 -1.66 9.91 11.66
N GLY B 117 -1.97 10.99 12.34
CA GLY B 117 -1.86 11.06 13.79
C GLY B 117 -0.43 11.07 14.28
N MET B 118 0.46 11.49 13.40
CA MET B 118 1.90 11.56 13.69
C MET B 118 2.47 12.90 13.25
N THR B 119 3.63 13.26 13.81
CA THR B 119 4.45 14.35 13.34
C THR B 119 5.72 13.77 12.78
N ARG B 120 5.91 13.95 11.47
CA ARG B 120 7.05 13.43 10.74
C ARG B 120 7.56 14.45 9.77
N VAL B 121 8.69 14.15 9.13
CA VAL B 121 9.27 15.02 8.09
C VAL B 121 9.14 14.31 6.75
N GLU B 122 8.24 14.83 5.94
CA GLU B 122 8.06 14.35 4.57
C GLU B 122 9.28 14.70 3.71
N VAL B 123 9.60 13.82 2.76
CA VAL B 123 10.65 14.07 1.76
C VAL B 123 9.95 14.05 0.40
N ARG B 124 10.21 15.12 -0.37
CA ARG B 124 9.69 15.26 -1.73
C ARG B 124 10.82 15.52 -2.75
N CYS B 125 10.52 15.25 -4.01
CA CYS B 125 11.39 15.62 -5.13
C CYS B 125 11.33 17.13 -5.28
N ASN B 126 12.50 17.75 -5.23
CA ASN B 126 12.61 19.20 -5.32
C ASN B 126 12.32 19.68 -6.73
N GLN B 127 12.48 18.82 -7.73
CA GLN B 127 12.22 19.26 -9.11
C GLN B 127 10.78 19.25 -9.50
N CYS B 128 10.00 18.26 -9.04
CA CYS B 128 8.60 18.17 -9.46
C CYS B 128 7.59 18.12 -8.32
N GLY B 129 8.07 17.97 -7.08
CA GLY B 129 7.22 17.99 -5.90
C GLY B 129 6.70 16.61 -5.49
N ALA B 130 7.06 15.58 -6.26
CA ALA B 130 6.59 14.20 -5.95
C ALA B 130 6.80 13.87 -4.49
N HIS B 131 5.77 13.29 -3.87
CA HIS B 131 5.95 12.66 -2.55
C HIS B 131 6.87 11.44 -2.70
N LEU B 132 7.94 11.39 -1.90
CA LEU B 132 8.87 10.24 -1.94
C LEU B 132 8.75 9.36 -0.71
N GLY B 133 8.67 9.97 0.44
CA GLY B 133 8.61 9.20 1.70
C GLY B 133 8.81 10.16 2.86
N HIS B 134 9.58 9.71 3.86
CA HIS B 134 9.88 10.49 5.07
C HIS B 134 11.35 10.26 5.45
N VAL B 135 11.87 11.13 6.30
CA VAL B 135 13.21 10.97 6.83
C VAL B 135 13.12 10.97 8.35
N PHE B 136 13.87 10.07 8.95
CA PHE B 136 13.82 9.80 10.38
C PHE B 136 15.23 9.92 10.95
N GLU B 137 15.32 10.11 12.26
CA GLU B 137 16.62 10.39 12.83
C GLU B 137 17.19 9.15 13.47
N ASP B 138 16.86 7.99 12.91
CA ASP B 138 17.35 6.72 13.44
C ASP B 138 18.23 6.00 12.46
N GLY B 139 18.95 6.78 11.68
CA GLY B 139 19.83 6.25 10.67
C GLY B 139 21.19 5.95 11.25
N PRO B 140 22.14 5.52 10.40
CA PRO B 140 23.48 5.13 10.84
C PRO B 140 24.26 6.28 11.45
N ARG B 141 24.66 6.12 12.70
CA ARG B 141 25.27 7.23 13.41
C ARG B 141 26.68 7.43 12.91
N ASP B 142 27.20 6.44 12.19
CA ASP B 142 28.57 6.51 11.69
C ASP B 142 28.53 7.22 10.36
N LYS B 143 27.34 7.66 9.99
CA LYS B 143 27.17 8.55 8.85
C LYS B 143 26.32 9.75 9.22
N THR B 144 25.20 9.94 8.52
CA THR B 144 24.39 11.14 8.75
C THR B 144 23.46 11.03 9.96
N GLY B 145 23.26 9.79 10.42
CA GLY B 145 22.28 9.51 11.46
C GLY B 145 20.86 9.61 10.95
N LEU B 146 20.72 9.68 9.62
CA LEU B 146 19.40 9.86 9.01
C LEU B 146 19.02 8.63 8.19
N ARG B 147 17.74 8.28 8.27
CA ARG B 147 17.13 7.22 7.44
C ARG B 147 16.10 7.92 6.54
N TYR B 148 16.44 8.02 5.26
CA TYR B 148 15.52 8.49 4.23
C TYR B 148 14.78 7.25 3.80
N CYS B 149 13.50 7.22 4.14
CA CYS B 149 12.68 6.05 3.98
C CYS B 149 11.74 6.32 2.83
N ILE B 150 12.03 5.68 1.71
CA ILE B 150 11.48 6.09 0.44
C ILE B 150 10.64 5.01 -0.19
N ASN B 151 9.44 5.34 -0.66
CA ASN B 151 8.66 4.33 -1.37
C ASN B 151 9.33 3.86 -2.67
N SER B 152 9.41 2.56 -2.86
CA SER B 152 9.94 2.01 -4.12
CA SER B 152 9.93 2.01 -4.11
C SER B 152 9.18 2.60 -5.30
N ALA B 153 7.87 2.78 -5.11
CA ALA B 153 6.99 3.23 -6.18
C ALA B 153 7.18 4.68 -6.57
N ALA B 154 7.97 5.42 -5.77
CA ALA B 154 8.34 6.81 -6.13
C ALA B 154 9.60 6.86 -7.01
N LEU B 155 10.24 5.72 -7.17
CA LEU B 155 11.58 5.64 -7.78
C LEU B 155 11.59 4.75 -9.02
N ASN B 156 12.62 4.97 -9.85
CA ASN B 156 12.94 4.06 -10.93
C ASN B 156 14.45 3.92 -10.93
N PHE B 157 14.89 2.67 -10.91
CA PHE B 157 16.34 2.35 -10.79
C PHE B 157 16.99 2.31 -12.16
N GLU B 158 18.13 2.99 -12.26
CA GLU B 158 19.01 2.90 -13.42
C GLU B 158 20.27 2.15 -13.00
N ALA B 159 20.45 0.96 -13.56
CA ALA B 159 21.66 0.18 -13.28
C ALA B 159 22.90 0.84 -13.88
N LYS B 160 23.95 0.95 -13.08
CA LYS B 160 25.24 1.38 -13.58
C LYS B 160 26.28 0.34 -13.15
N PRO B 161 26.27 -0.82 -13.82
CA PRO B 161 27.08 -1.95 -13.43
C PRO B 161 28.46 -1.88 -14.05
ZN ZN C . -9.71 -17.49 3.80
C ACT D . -9.18 -1.31 5.24
O ACT D . -8.53 -1.99 6.04
OXT ACT D . -9.99 -0.44 5.66
CH3 ACT D . -8.97 -1.57 3.77
ZN ZN E . 10.55 14.53 -9.51
C ACT F . 7.61 6.36 4.24
O ACT F . 6.90 7.35 3.96
OXT ACT F . 8.14 6.31 5.38
CH3 ACT F . 7.77 5.25 3.24
#